data_6GGP
#
_entry.id   6GGP
#
_cell.length_a   34.707
_cell.length_b   71.063
_cell.length_c   88.386
_cell.angle_alpha   90.00
_cell.angle_beta   90.00
_cell.angle_gamma   90.00
#
_symmetry.space_group_name_H-M   'P 21 21 21'
#
loop_
_entity.id
_entity.type
_entity.pdbx_description
1 polymer 'Amino acid ABC transporter, periplasmic amino acid-binding protein'
2 water water
#
_entity_poly.entity_id   1
_entity_poly.type   'polypeptide(L)'
_entity_poly.pdbx_seq_one_letter_code
;AIDEIKSRGYLLVGLSADFPPFEFVDENGNIVGFDVDLAKEIARRLGVELKIVDMTFDGLIPSLLTKKIDVIISGMTITE
ERKKVVAFSDPYFDAGQVIVVRKDSDFRPKTYEDLVGKTVAVQIGTTGDIEVSKYDGIKVVRFDKFTDAFLELKRGRADA
VVLDSATARAFVAKNPDLVISSGVLSSEQYGIAVRKEDTDLLEFINSVLREL
;
_entity_poly.pdbx_strand_id   A
#
# COMPACT_ATOMS: atom_id res chain seq x y z
N ALA A 1 14.02 -20.67 7.18
CA ALA A 1 12.98 -20.86 8.17
C ALA A 1 13.38 -20.09 9.44
N ILE A 2 12.68 -20.29 10.53
N ILE A 2 12.66 -20.29 10.53
CA ILE A 2 12.98 -19.50 11.70
CA ILE A 2 12.93 -19.55 11.73
C ILE A 2 14.35 -19.73 12.24
C ILE A 2 14.34 -19.74 12.22
N ASP A 3 14.82 -20.98 12.26
CA ASP A 3 16.17 -21.21 12.80
C ASP A 3 17.23 -20.44 12.01
N GLU A 4 17.11 -20.40 10.68
CA GLU A 4 18.06 -19.69 9.85
C GLU A 4 18.02 -18.20 10.14
N ILE A 5 16.84 -17.64 10.30
CA ILE A 5 16.68 -16.21 10.56
C ILE A 5 17.33 -15.86 11.88
N LYS A 6 16.95 -16.59 12.94
CA LYS A 6 17.51 -16.28 14.24
C LYS A 6 18.98 -16.54 14.33
N SER A 7 19.44 -17.57 13.64
CA SER A 7 20.88 -17.89 13.70
C SER A 7 21.70 -16.86 12.94
N ARG A 8 21.15 -16.22 11.91
CA ARG A 8 21.87 -15.10 11.26
C ARG A 8 21.69 -13.78 11.93
N GLY A 9 20.58 -13.58 12.60
CA GLY A 9 20.34 -12.39 13.38
C GLY A 9 19.50 -11.28 12.69
N TYR A 10 18.99 -11.59 11.50
CA TYR A 10 18.22 -10.60 10.78
C TYR A 10 17.26 -11.32 9.85
N LEU A 11 16.14 -10.67 9.61
CA LEU A 11 15.10 -11.07 8.64
C LEU A 11 15.36 -10.35 7.34
N LEU A 12 15.43 -11.10 6.26
CA LEU A 12 15.65 -10.54 4.90
C LEU A 12 14.26 -10.46 4.21
N VAL A 13 13.83 -9.24 3.95
CA VAL A 13 12.55 -8.98 3.31
C VAL A 13 12.79 -8.37 1.93
N GLY A 14 12.28 -9.04 0.88
CA GLY A 14 12.37 -8.49 -0.46
C GLY A 14 11.17 -7.65 -0.80
N LEU A 15 11.43 -6.56 -1.51
CA LEU A 15 10.40 -5.71 -2.04
C LEU A 15 10.93 -4.93 -3.24
N SER A 16 10.00 -4.24 -3.93
CA SER A 16 10.31 -3.33 -5.01
C SER A 16 9.84 -1.95 -4.61
N ALA A 17 10.78 -1.07 -4.28
CA ALA A 17 10.48 0.24 -3.64
C ALA A 17 10.04 1.30 -4.62
N ASP A 18 9.00 1.01 -5.39
CA ASP A 18 8.42 1.91 -6.37
C ASP A 18 6.90 1.90 -6.26
N PHE A 19 6.38 1.68 -5.07
CA PHE A 19 4.95 1.50 -4.86
C PHE A 19 4.49 2.16 -3.58
N PRO A 20 4.51 3.50 -3.54
CA PRO A 20 3.94 4.19 -2.38
C PRO A 20 2.46 3.88 -2.30
N PRO A 21 1.89 3.86 -1.09
CA PRO A 21 2.53 4.07 0.24
C PRO A 21 3.01 2.79 0.87
N PHE A 22 3.12 1.72 0.11
CA PHE A 22 3.52 0.40 0.64
C PHE A 22 5.03 0.27 0.77
N GLU A 23 5.76 0.63 -0.26
CA GLU A 23 7.22 0.65 -0.25
C GLU A 23 7.68 1.70 -1.22
N PHE A 24 8.49 2.66 -0.76
CA PHE A 24 8.97 3.72 -1.61
C PHE A 24 10.22 4.31 -0.97
N VAL A 25 10.95 5.08 -1.75
CA VAL A 25 12.14 5.78 -1.24
C VAL A 25 11.73 7.20 -0.89
N ASP A 26 11.93 7.63 0.34
CA ASP A 26 11.60 8.95 0.78
C ASP A 26 12.63 9.95 0.31
N GLU A 27 12.41 11.21 0.67
CA GLU A 27 13.25 12.32 0.21
CA GLU A 27 13.24 12.30 0.19
C GLU A 27 14.67 12.23 0.70
N ASN A 28 14.91 11.50 1.77
CA ASN A 28 16.24 11.31 2.34
C ASN A 28 16.90 10.01 1.96
N GLY A 29 16.26 9.25 1.06
CA GLY A 29 16.87 8.07 0.57
C GLY A 29 16.58 6.82 1.35
N ASN A 30 15.60 6.83 2.23
CA ASN A 30 15.22 5.66 3.02
C ASN A 30 14.04 4.96 2.43
N ILE A 31 14.07 3.64 2.47
CA ILE A 31 12.90 2.83 2.03
C ILE A 31 11.91 2.75 3.19
N VAL A 32 10.72 3.22 2.94
CA VAL A 32 9.67 3.35 3.94
C VAL A 32 8.32 2.90 3.35
N GLY A 33 7.32 2.74 4.22
CA GLY A 33 5.97 2.50 3.80
C GLY A 33 5.30 1.46 4.66
N PHE A 34 4.03 1.17 4.34
CA PHE A 34 3.23 0.28 5.15
C PHE A 34 3.86 -1.13 5.21
N ASP A 35 4.40 -1.58 4.09
CA ASP A 35 5.02 -2.91 4.05
C ASP A 35 6.31 -2.95 4.89
N VAL A 36 7.05 -1.84 4.89
CA VAL A 36 8.20 -1.72 5.74
C VAL A 36 7.78 -1.73 7.22
N ASP A 37 6.69 -1.04 7.55
CA ASP A 37 6.20 -1.01 8.92
C ASP A 37 5.85 -2.44 9.39
N LEU A 38 5.21 -3.19 8.51
CA LEU A 38 4.84 -4.58 8.83
C LEU A 38 6.09 -5.42 9.00
N ALA A 39 7.02 -5.31 8.06
CA ALA A 39 8.30 -6.00 8.17
C ALA A 39 8.99 -5.73 9.50
N LYS A 40 9.00 -4.46 9.91
CA LYS A 40 9.62 -4.09 11.16
C LYS A 40 8.94 -4.77 12.32
N GLU A 41 7.61 -4.85 12.29
CA GLU A 41 6.86 -5.46 13.38
C GLU A 41 7.10 -6.98 13.46
N ILE A 42 7.17 -7.63 12.32
CA ILE A 42 7.51 -9.04 12.30
C ILE A 42 8.91 -9.28 12.85
N ALA A 43 9.85 -8.46 12.43
CA ALA A 43 11.22 -8.55 12.96
C ALA A 43 11.26 -8.29 14.45
N ARG A 44 10.50 -7.32 14.92
CA ARG A 44 10.46 -7.02 16.35
C ARG A 44 9.98 -8.22 17.14
N ARG A 45 8.92 -8.84 16.64
CA ARG A 45 8.32 -10.00 17.33
C ARG A 45 9.23 -11.22 17.28
N LEU A 46 10.02 -11.38 16.23
CA LEU A 46 11.06 -12.38 16.20
C LEU A 46 12.25 -12.05 17.12
N GLY A 47 12.45 -10.75 17.32
CA GLY A 47 13.59 -10.23 18.06
C GLY A 47 14.90 -10.09 17.29
N VAL A 48 14.78 -9.93 15.97
CA VAL A 48 15.91 -9.84 15.10
C VAL A 48 15.89 -8.48 14.38
N GLU A 49 17.00 -8.14 13.75
CA GLU A 49 17.07 -6.94 12.92
C GLU A 49 16.36 -7.20 11.61
N LEU A 50 15.98 -6.15 10.93
CA LEU A 50 15.39 -6.18 9.62
C LEU A 50 16.39 -5.73 8.60
N LYS A 51 16.51 -6.48 7.48
CA LYS A 51 17.19 -6.01 6.31
CA LYS A 51 17.20 -6.04 6.33
C LYS A 51 16.25 -6.09 5.13
N ILE A 52 16.05 -4.96 4.48
CA ILE A 52 15.25 -4.85 3.28
C ILE A 52 16.14 -5.03 2.09
N VAL A 53 15.72 -5.85 1.13
CA VAL A 53 16.41 -6.07 -0.09
C VAL A 53 15.52 -5.57 -1.24
N ASP A 54 15.90 -4.47 -1.86
CA ASP A 54 15.13 -3.85 -2.94
C ASP A 54 15.55 -4.45 -4.27
N MET A 55 14.55 -4.78 -5.09
CA MET A 55 14.79 -5.35 -6.40
C MET A 55 13.60 -5.13 -7.29
N THR A 56 13.71 -5.51 -8.56
CA THR A 56 12.59 -5.47 -9.46
CA THR A 56 12.61 -5.49 -9.47
C THR A 56 11.49 -6.40 -9.00
N PHE A 57 10.24 -6.01 -9.17
CA PHE A 57 9.14 -6.81 -8.67
C PHE A 57 9.17 -8.24 -9.20
N ASP A 58 9.40 -8.40 -10.53
CA ASP A 58 9.49 -9.73 -11.10
C ASP A 58 10.69 -10.55 -10.68
N GLY A 59 11.62 -9.95 -9.98
CA GLY A 59 12.74 -10.64 -9.37
C GLY A 59 12.47 -11.19 -7.97
N LEU A 60 11.34 -10.84 -7.37
CA LEU A 60 11.06 -11.20 -5.98
C LEU A 60 10.90 -12.69 -5.78
N ILE A 61 10.02 -13.32 -6.54
CA ILE A 61 9.85 -14.76 -6.39
C ILE A 61 11.13 -15.50 -6.71
N PRO A 62 11.85 -15.16 -7.81
CA PRO A 62 13.16 -15.80 -8.01
C PRO A 62 14.09 -15.68 -6.82
N SER A 63 14.14 -14.51 -6.21
CA SER A 63 15.02 -14.28 -5.07
C SER A 63 14.61 -15.09 -3.88
N LEU A 64 13.29 -15.17 -3.62
CA LEU A 64 12.79 -15.97 -2.55
C LEU A 64 13.20 -17.44 -2.74
N LEU A 65 13.04 -17.93 -3.97
CA LEU A 65 13.38 -19.33 -4.23
C LEU A 65 14.87 -19.62 -4.08
N THR A 66 15.73 -18.66 -4.34
CA THR A 66 17.20 -18.82 -4.10
C THR A 66 17.60 -18.60 -2.68
N LYS A 67 16.72 -18.19 -1.79
CA LYS A 67 17.01 -17.97 -0.38
C LYS A 67 17.77 -16.67 -0.10
N LYS A 68 17.85 -15.80 -1.10
CA LYS A 68 18.46 -14.53 -0.88
C LYS A 68 17.57 -13.59 -0.02
N ILE A 69 16.27 -13.90 0.02
CA ILE A 69 15.35 -13.27 0.96
C ILE A 69 14.56 -14.35 1.65
N ASP A 70 14.06 -14.04 2.84
CA ASP A 70 13.22 -14.95 3.61
C ASP A 70 11.75 -14.87 3.27
N VAL A 71 11.27 -13.66 2.94
CA VAL A 71 9.89 -13.39 2.65
C VAL A 71 9.83 -12.26 1.63
N ILE A 72 8.67 -12.14 0.99
CA ILE A 72 8.28 -11.01 0.15
C ILE A 72 7.16 -10.25 0.83
N ILE A 73 7.39 -8.95 1.06
CA ILE A 73 6.32 -8.07 1.56
CA ILE A 73 6.33 -8.06 1.57
C ILE A 73 6.38 -6.84 0.65
N SER A 74 5.56 -6.88 -0.44
CA SER A 74 5.76 -5.91 -1.51
C SER A 74 4.53 -5.69 -2.34
N GLY A 75 3.35 -5.46 -1.72
CA GLY A 75 2.18 -5.21 -2.53
C GLY A 75 1.86 -6.34 -3.47
N MET A 76 2.05 -7.57 -2.99
CA MET A 76 1.90 -8.77 -3.83
C MET A 76 0.58 -9.45 -3.54
N THR A 77 -0.25 -9.57 -4.59
CA THR A 77 -1.50 -10.31 -4.50
CA THR A 77 -1.50 -10.32 -4.48
C THR A 77 -1.25 -11.82 -4.42
N ILE A 78 -2.21 -12.52 -3.78
CA ILE A 78 -2.18 -13.93 -3.59
C ILE A 78 -2.90 -14.55 -4.78
N THR A 79 -2.18 -15.11 -5.69
CA THR A 79 -2.74 -15.72 -6.85
C THR A 79 -2.42 -17.16 -6.96
N GLU A 80 -3.29 -17.89 -7.65
CA GLU A 80 -3.06 -19.33 -7.82
C GLU A 80 -1.75 -19.59 -8.59
N GLU A 81 -1.47 -18.72 -9.55
CA GLU A 81 -0.28 -18.86 -10.32
C GLU A 81 0.99 -18.74 -9.41
N ARG A 82 1.04 -17.77 -8.52
CA ARG A 82 2.17 -17.67 -7.60
C ARG A 82 2.18 -18.79 -6.62
N LYS A 83 0.99 -19.29 -6.20
CA LYS A 83 0.91 -20.39 -5.27
C LYS A 83 1.41 -21.72 -5.82
N LYS A 84 1.65 -21.79 -7.13
CA LYS A 84 2.29 -22.96 -7.65
C LYS A 84 3.72 -23.08 -7.15
N VAL A 85 4.37 -21.95 -6.81
CA VAL A 85 5.80 -22.00 -6.46
C VAL A 85 6.12 -21.44 -5.08
N VAL A 86 5.25 -20.63 -4.48
CA VAL A 86 5.49 -20.10 -3.12
C VAL A 86 4.21 -20.29 -2.32
N ALA A 87 4.35 -20.13 -1.00
CA ALA A 87 3.24 -20.06 -0.08
C ALA A 87 2.96 -18.60 0.23
N PHE A 88 1.74 -18.31 0.67
CA PHE A 88 1.34 -17.00 1.19
C PHE A 88 0.77 -17.10 2.55
N SER A 89 1.04 -16.05 3.36
CA SER A 89 0.33 -15.77 4.55
C SER A 89 -1.12 -15.49 4.27
N ASP A 90 -1.93 -15.47 5.32
CA ASP A 90 -3.22 -14.81 5.25
C ASP A 90 -3.03 -13.41 4.72
N PRO A 91 -4.05 -12.85 4.10
CA PRO A 91 -3.94 -11.44 3.65
C PRO A 91 -3.68 -10.53 4.80
N TYR A 92 -2.82 -9.54 4.61
CA TYR A 92 -2.49 -8.60 5.63
C TYR A 92 -3.00 -7.21 5.34
N PHE A 93 -3.44 -6.94 4.13
CA PHE A 93 -3.90 -5.59 3.77
CA PHE A 93 -3.92 -5.63 3.75
C PHE A 93 -5.03 -5.81 2.81
N ASP A 94 -5.96 -4.85 3.11
N ASP A 94 -6.28 -5.31 3.00
CA ASP A 94 -7.11 -4.74 2.32
CA ASP A 94 -7.17 -4.79 2.01
C ASP A 94 -6.98 -3.44 1.51
C ASP A 94 -6.85 -3.44 1.56
N ALA A 95 -6.22 -3.49 0.44
CA ALA A 95 -5.91 -2.31 -0.34
C ALA A 95 -7.15 -1.83 -1.06
N GLY A 96 -7.23 -0.55 -1.23
CA GLY A 96 -8.41 0.06 -1.93
C GLY A 96 -8.24 1.56 -1.89
N GLN A 97 -8.95 2.24 -2.77
CA GLN A 97 -8.97 3.67 -2.88
C GLN A 97 -10.36 4.21 -2.52
N VAL A 98 -10.40 5.47 -2.09
CA VAL A 98 -11.63 6.21 -2.04
C VAL A 98 -11.43 7.57 -2.69
N ILE A 99 -12.53 8.18 -3.02
CA ILE A 99 -12.61 9.53 -3.58
C ILE A 99 -13.04 10.47 -2.45
N VAL A 100 -12.27 11.54 -2.29
CA VAL A 100 -12.50 12.58 -1.30
C VAL A 100 -12.84 13.87 -2.01
N VAL A 101 -13.87 14.57 -1.53
CA VAL A 101 -14.30 15.82 -2.09
C VAL A 101 -14.61 16.81 -0.98
N ARG A 102 -14.83 18.06 -1.34
CA ARG A 102 -15.32 19.04 -0.34
CA ARG A 102 -15.28 19.04 -0.35
C ARG A 102 -16.74 18.76 0.08
N LYS A 103 -17.01 18.94 1.34
CA LYS A 103 -18.34 18.70 1.89
CA LYS A 103 -18.32 18.72 1.95
C LYS A 103 -19.37 19.67 1.39
N ASP A 104 -19.02 20.93 1.23
CA ASP A 104 -20.00 22.00 0.97
C ASP A 104 -20.36 22.11 -0.48
N SER A 105 -20.91 21.00 -1.04
CA SER A 105 -21.29 20.87 -2.42
CA SER A 105 -21.27 20.85 -2.44
C SER A 105 -22.12 19.62 -2.52
N ASP A 106 -22.90 19.48 -3.55
CA ASP A 106 -23.56 18.20 -3.81
C ASP A 106 -22.77 17.30 -4.71
N PHE A 107 -21.54 17.72 -5.12
CA PHE A 107 -20.74 16.84 -5.95
C PHE A 107 -20.29 15.64 -5.14
N ARG A 108 -20.70 14.46 -5.53
CA ARG A 108 -20.44 13.22 -4.80
C ARG A 108 -20.10 12.13 -5.80
N PRO A 109 -18.90 12.18 -6.40
CA PRO A 109 -18.50 11.16 -7.36
C PRO A 109 -18.31 9.81 -6.67
N LYS A 110 -18.83 8.75 -7.31
CA LYS A 110 -18.83 7.41 -6.75
CA LYS A 110 -18.76 7.43 -6.71
C LYS A 110 -17.83 6.47 -7.42
N THR A 111 -17.40 6.82 -8.64
CA THR A 111 -16.53 6.00 -9.45
C THR A 111 -15.50 6.91 -10.12
N TYR A 112 -14.46 6.34 -10.70
CA TYR A 112 -13.53 7.11 -11.45
C TYR A 112 -14.19 7.77 -12.66
N GLU A 113 -15.16 7.07 -13.27
CA GLU A 113 -15.85 7.63 -14.41
C GLU A 113 -16.56 8.95 -14.06
N ASP A 114 -17.01 9.08 -12.81
CA ASP A 114 -17.61 10.29 -12.35
C ASP A 114 -16.59 11.47 -12.22
N LEU A 115 -15.29 11.19 -12.34
CA LEU A 115 -14.28 12.22 -12.30
C LEU A 115 -13.88 12.69 -13.68
N VAL A 116 -14.39 12.08 -14.75
CA VAL A 116 -14.07 12.53 -16.09
C VAL A 116 -14.58 13.97 -16.21
N GLY A 117 -13.78 14.88 -16.72
CA GLY A 117 -14.12 16.25 -16.81
C GLY A 117 -13.82 17.07 -15.57
N LYS A 118 -13.24 16.44 -14.58
CA LYS A 118 -12.84 17.07 -13.32
C LYS A 118 -11.36 17.07 -13.17
N THR A 119 -10.91 17.81 -12.17
CA THR A 119 -9.50 17.89 -11.81
C THR A 119 -9.28 17.08 -10.53
N VAL A 120 -8.37 16.13 -10.57
CA VAL A 120 -8.18 15.20 -9.47
C VAL A 120 -6.71 15.24 -9.03
N ALA A 121 -6.51 15.46 -7.74
CA ALA A 121 -5.20 15.49 -7.14
C ALA A 121 -4.87 14.09 -6.57
N VAL A 122 -3.66 13.64 -6.85
CA VAL A 122 -3.16 12.36 -6.42
C VAL A 122 -1.75 12.46 -5.91
N GLN A 123 -1.31 11.46 -5.19
CA GLN A 123 0.07 11.30 -4.83
C GLN A 123 0.79 10.48 -5.90
N ILE A 124 1.91 11.01 -6.41
CA ILE A 124 2.63 10.37 -7.49
C ILE A 124 2.99 8.96 -7.18
N GLY A 125 2.73 8.08 -8.14
CA GLY A 125 3.13 6.71 -8.07
C GLY A 125 2.26 5.76 -7.35
N THR A 126 1.22 6.26 -6.71
CA THR A 126 0.30 5.43 -5.96
C THR A 126 -0.71 4.77 -6.90
N THR A 127 -1.44 3.81 -6.34
CA THR A 127 -2.54 3.21 -7.06
C THR A 127 -3.54 4.28 -7.53
N GLY A 128 -3.79 5.30 -6.73
CA GLY A 128 -4.75 6.32 -7.13
C GLY A 128 -4.25 7.03 -8.39
N ASP A 129 -2.99 7.42 -8.43
CA ASP A 129 -2.37 7.98 -9.62
C ASP A 129 -2.52 7.03 -10.80
N ILE A 130 -2.13 5.78 -10.61
N ILE A 130 -2.12 5.79 -10.64
CA ILE A 130 -2.13 4.79 -11.70
CA ILE A 130 -2.16 4.85 -11.74
C ILE A 130 -3.55 4.63 -12.24
C ILE A 130 -3.60 4.70 -12.26
N GLU A 131 -4.55 4.57 -11.38
CA GLU A 131 -5.93 4.32 -11.81
C GLU A 131 -6.52 5.49 -12.48
N VAL A 132 -6.43 6.68 -11.88
CA VAL A 132 -7.08 7.81 -12.48
C VAL A 132 -6.42 8.19 -13.82
N SER A 133 -5.12 7.98 -13.92
CA SER A 133 -4.34 8.30 -15.11
C SER A 133 -4.83 7.51 -16.32
N LYS A 134 -5.48 6.38 -16.12
CA LYS A 134 -5.98 5.56 -17.19
C LYS A 134 -7.04 6.20 -17.99
N TYR A 135 -7.72 7.22 -17.46
CA TYR A 135 -8.84 7.88 -18.05
C TYR A 135 -8.30 9.16 -18.72
N ASP A 136 -8.31 9.26 -20.02
CA ASP A 136 -7.74 10.45 -20.69
C ASP A 136 -8.48 11.71 -20.36
N GLY A 137 -9.76 11.64 -20.00
CA GLY A 137 -10.58 12.80 -19.66
C GLY A 137 -10.52 13.28 -18.24
N ILE A 138 -9.77 12.67 -17.38
CA ILE A 138 -9.56 13.21 -16.04
C ILE A 138 -8.31 14.09 -16.08
N LYS A 139 -8.40 15.30 -15.57
CA LYS A 139 -7.27 16.16 -15.44
C LYS A 139 -6.55 15.84 -14.13
N VAL A 140 -5.51 15.08 -14.19
CA VAL A 140 -4.80 14.62 -13.04
C VAL A 140 -3.73 15.59 -12.69
N VAL A 141 -3.58 15.94 -11.41
CA VAL A 141 -2.61 16.78 -10.89
C VAL A 141 -1.85 16.03 -9.77
N ARG A 142 -0.53 15.87 -9.93
CA ARG A 142 0.24 14.96 -9.11
C ARG A 142 1.04 15.72 -8.12
N PHE A 143 1.18 15.16 -6.92
CA PHE A 143 1.92 15.75 -5.85
C PHE A 143 2.82 14.73 -5.23
N ASP A 144 3.94 15.19 -4.72
CA ASP A 144 4.95 14.37 -3.98
CA ASP A 144 4.95 14.36 -4.04
C ASP A 144 4.26 13.67 -2.71
N LYS A 145 3.39 14.38 -2.06
N LYS A 145 3.46 14.48 -2.08
CA LYS A 145 2.98 14.05 -0.74
CA LYS A 145 3.07 14.31 -0.69
C LYS A 145 1.50 14.21 -0.78
C LYS A 145 1.51 14.25 -0.76
N PHE A 146 0.85 13.25 -0.15
CA PHE A 146 -0.60 13.29 -0.13
C PHE A 146 -1.14 14.49 0.60
N THR A 147 -0.37 15.04 1.57
N THR A 147 -0.37 15.05 1.57
CA THR A 147 -0.86 16.23 2.23
CA THR A 147 -0.84 16.26 2.23
C THR A 147 -0.98 17.39 1.25
C THR A 147 -0.98 17.39 1.25
N ASP A 148 -0.11 17.47 0.24
CA ASP A 148 -0.22 18.51 -0.75
C ASP A 148 -1.42 18.30 -1.63
N ALA A 149 -1.75 17.06 -1.98
CA ALA A 149 -2.96 16.76 -2.75
C ALA A 149 -4.21 17.25 -1.97
N PHE A 150 -4.25 16.94 -0.67
CA PHE A 150 -5.39 17.39 0.11
C PHE A 150 -5.44 18.90 0.23
N LEU A 151 -4.34 19.58 0.33
CA LEU A 151 -4.31 21.06 0.37
CA LEU A 151 -4.47 21.03 0.44
C LEU A 151 -4.98 21.60 -0.90
N GLU A 152 -4.60 21.03 -2.03
CA GLU A 152 -5.13 21.43 -3.33
C GLU A 152 -6.65 21.32 -3.32
N LEU A 153 -7.15 20.21 -2.82
CA LEU A 153 -8.58 20.00 -2.68
C LEU A 153 -9.25 21.00 -1.75
N LYS A 154 -8.63 21.19 -0.57
CA LYS A 154 -9.22 22.09 0.42
C LYS A 154 -9.29 23.52 -0.07
N ARG A 155 -8.35 23.90 -0.95
CA ARG A 155 -8.34 25.24 -1.54
C ARG A 155 -9.31 25.36 -2.74
N GLY A 156 -9.94 24.28 -3.12
CA GLY A 156 -10.81 24.31 -4.29
C GLY A 156 -10.10 24.31 -5.60
N ARG A 157 -8.83 23.94 -5.63
CA ARG A 157 -8.00 23.92 -6.82
C ARG A 157 -8.07 22.59 -7.54
N ALA A 158 -8.55 21.55 -6.86
CA ALA A 158 -8.92 20.29 -7.48
C ALA A 158 -10.34 19.99 -6.99
N ASP A 159 -11.04 19.17 -7.75
CA ASP A 159 -12.38 18.73 -7.40
C ASP A 159 -12.39 17.51 -6.49
N ALA A 160 -11.35 16.72 -6.52
CA ALA A 160 -11.33 15.47 -5.74
C ALA A 160 -9.89 15.07 -5.52
N VAL A 161 -9.70 14.21 -4.51
CA VAL A 161 -8.48 13.44 -4.29
C VAL A 161 -8.87 11.98 -4.36
N VAL A 162 -7.98 11.13 -4.87
CA VAL A 162 -8.10 9.69 -4.77
C VAL A 162 -6.93 9.18 -3.95
N LEU A 163 -7.18 8.36 -2.94
CA LEU A 163 -6.09 7.91 -2.05
C LEU A 163 -6.50 6.62 -1.38
N ASP A 164 -5.50 5.93 -0.82
CA ASP A 164 -5.69 4.78 0.05
C ASP A 164 -6.83 5.06 1.04
N SER A 165 -7.71 4.11 1.18
CA SER A 165 -8.91 4.29 1.99
CA SER A 165 -8.90 4.35 1.97
CA SER A 165 -8.90 4.31 2.00
C SER A 165 -8.60 4.68 3.43
N ALA A 166 -7.75 3.94 4.10
CA ALA A 166 -7.53 4.23 5.52
C ALA A 166 -6.87 5.60 5.70
N THR A 167 -5.92 5.93 4.84
CA THR A 167 -5.25 7.22 4.95
C THR A 167 -6.24 8.35 4.73
N ALA A 168 -7.09 8.20 3.69
CA ALA A 168 -8.09 9.20 3.40
C ALA A 168 -9.07 9.35 4.56
N ARG A 169 -9.53 8.23 5.13
CA ARG A 169 -10.45 8.26 6.27
CA ARG A 169 -10.48 8.35 6.21
C ARG A 169 -9.86 9.04 7.43
N ALA A 170 -8.59 8.76 7.72
CA ALA A 170 -7.93 9.41 8.84
C ALA A 170 -7.81 10.93 8.59
N PHE A 171 -7.47 11.30 7.37
CA PHE A 171 -7.34 12.71 7.05
C PHE A 171 -8.68 13.41 7.13
N VAL A 172 -9.71 12.79 6.55
CA VAL A 172 -11.02 13.36 6.60
C VAL A 172 -11.54 13.52 8.01
N ALA A 173 -11.24 12.58 8.90
CA ALA A 173 -11.67 12.72 10.28
C ALA A 173 -11.15 14.01 10.90
N LYS A 174 -9.93 14.44 10.55
CA LYS A 174 -9.31 15.63 11.02
C LYS A 174 -9.67 16.87 10.23
N ASN A 175 -10.30 16.71 9.08
CA ASN A 175 -10.59 17.79 8.15
C ASN A 175 -12.06 17.70 7.72
N PRO A 176 -12.97 18.13 8.58
CA PRO A 176 -14.39 17.96 8.31
C PRO A 176 -14.94 18.94 7.26
N ASP A 177 -14.10 19.75 6.63
CA ASP A 177 -14.46 20.40 5.37
C ASP A 177 -14.49 19.40 4.22
N LEU A 178 -14.04 18.19 4.39
CA LEU A 178 -13.99 17.15 3.38
C LEU A 178 -14.92 16.00 3.76
N VAL A 179 -15.31 15.22 2.74
CA VAL A 179 -16.03 13.99 2.95
CA VAL A 179 -16.03 13.97 2.94
C VAL A 179 -15.52 12.97 1.98
N ILE A 180 -15.72 11.69 2.29
CA ILE A 180 -15.56 10.62 1.33
CA ILE A 180 -15.54 10.61 1.32
C ILE A 180 -16.82 10.45 0.57
N SER A 181 -16.76 10.46 -0.78
CA SER A 181 -17.92 10.36 -1.64
C SER A 181 -18.14 9.00 -2.24
N SER A 182 -17.13 8.15 -2.25
CA SER A 182 -17.19 6.84 -2.83
C SER A 182 -17.13 5.73 -1.70
N GLY A 183 -17.48 4.54 -2.12
CA GLY A 183 -17.02 3.38 -1.44
C GLY A 183 -15.61 3.01 -1.91
N VAL A 184 -15.21 1.81 -1.58
CA VAL A 184 -13.85 1.38 -1.88
C VAL A 184 -13.75 0.97 -3.34
N LEU A 185 -12.78 1.54 -4.02
CA LEU A 185 -12.49 1.29 -5.42
C LEU A 185 -11.14 0.59 -5.53
N SER A 186 -10.91 -0.11 -6.65
CA SER A 186 -9.60 -0.67 -6.90
C SER A 186 -9.12 -1.57 -5.79
N SER A 187 -10.01 -2.41 -5.25
CA SER A 187 -9.75 -3.23 -4.10
CA SER A 187 -9.71 -3.19 -4.09
C SER A 187 -8.89 -4.43 -4.41
N GLU A 188 -7.94 -4.75 -3.55
CA GLU A 188 -7.24 -6.07 -3.66
C GLU A 188 -6.55 -6.26 -2.35
N GLN A 189 -6.08 -7.49 -2.17
CA GLN A 189 -5.52 -7.92 -0.99
C GLN A 189 -4.08 -8.36 -1.24
N TYR A 190 -3.22 -8.03 -0.27
CA TYR A 190 -1.81 -8.43 -0.33
C TYR A 190 -1.53 -9.48 0.71
N GLY A 191 -0.61 -10.37 0.37
CA GLY A 191 -0.10 -11.40 1.25
C GLY A 191 1.43 -11.41 1.28
N ILE A 192 1.97 -12.07 2.29
CA ILE A 192 3.42 -12.24 2.43
C ILE A 192 3.79 -13.58 1.83
N ALA A 193 4.72 -13.58 0.87
CA ALA A 193 5.19 -14.82 0.27
C ALA A 193 6.31 -15.43 1.11
N VAL A 194 6.25 -16.74 1.27
CA VAL A 194 7.17 -17.53 2.03
CA VAL A 194 7.16 -17.53 2.05
C VAL A 194 7.51 -18.79 1.24
N ARG A 195 8.72 -19.34 1.38
CA ARG A 195 8.99 -20.62 0.72
C ARG A 195 8.07 -21.70 1.30
N LYS A 196 7.62 -22.60 0.42
CA LYS A 196 6.71 -23.64 0.85
C LYS A 196 7.24 -24.50 2.00
N GLU A 197 8.52 -24.76 2.02
CA GLU A 197 9.08 -25.63 3.06
C GLU A 197 9.22 -24.93 4.40
N ASP A 198 9.12 -23.59 4.46
CA ASP A 198 9.39 -22.85 5.69
C ASP A 198 8.07 -22.70 6.47
N THR A 199 7.62 -23.84 6.95
CA THR A 199 6.30 -23.89 7.59
C THR A 199 6.30 -23.15 8.92
N ASP A 200 7.39 -23.20 9.70
CA ASP A 200 7.37 -22.54 10.96
C ASP A 200 7.28 -21.03 10.78
N LEU A 201 7.93 -20.52 9.76
CA LEU A 201 7.95 -19.08 9.50
C LEU A 201 6.56 -18.63 9.05
N LEU A 202 5.91 -19.40 8.18
CA LEU A 202 4.53 -19.07 7.78
C LEU A 202 3.60 -19.06 8.95
N GLU A 203 3.68 -20.08 9.79
CA GLU A 203 2.85 -20.14 10.98
C GLU A 203 3.04 -18.96 11.88
N PHE A 204 4.30 -18.59 12.11
CA PHE A 204 4.62 -17.46 12.96
C PHE A 204 4.01 -16.20 12.35
N ILE A 205 4.22 -15.99 11.06
CA ILE A 205 3.68 -14.79 10.43
C ILE A 205 2.15 -14.74 10.53
N ASN A 206 1.46 -15.84 10.28
CA ASN A 206 0.05 -15.85 10.40
C ASN A 206 -0.39 -15.51 11.82
N SER A 207 0.34 -16.01 12.81
CA SER A 207 0.05 -15.68 14.17
CA SER A 207 0.02 -15.68 14.19
CA SER A 207 0.03 -15.66 14.17
C SER A 207 0.19 -14.17 14.46
N VAL A 208 1.25 -13.57 13.94
CA VAL A 208 1.44 -12.14 14.04
C VAL A 208 0.28 -11.40 13.42
N LEU A 209 -0.09 -11.78 12.22
CA LEU A 209 -1.14 -11.04 11.52
C LEU A 209 -2.44 -11.04 12.33
N ARG A 210 -2.75 -12.21 12.94
CA ARG A 210 -3.98 -12.25 13.76
C ARG A 210 -3.87 -11.32 14.94
N GLU A 211 -2.69 -11.15 15.52
CA GLU A 211 -2.47 -10.34 16.69
C GLU A 211 -2.34 -8.86 16.43
N LEU A 212 -2.12 -8.46 15.18
CA LEU A 212 -2.01 -7.03 14.88
C LEU A 212 -3.26 -6.27 15.18
#